data_7QA4
#
_entry.id   7QA4
#
_cell.length_a   154.094
_cell.length_b   154.094
_cell.length_c   154.094
_cell.angle_alpha   90.000
_cell.angle_beta   90.000
_cell.angle_gamma   90.000
#
_symmetry.space_group_name_H-M   'I 21 3'
#
loop_
_entity.id
_entity.type
_entity.pdbx_description
1 polymer Hemagglutinin
2 branched beta-D-mannopyranose-(1-4)-2-acetamido-2-deoxy-beta-D-glucopyranose-(1-4)-2-acetamido-2-deoxy-beta-D-glucopyranose
3 branched alpha-D-mannopyranose-(1-3)-[alpha-D-mannopyranose-(1-6)]beta-D-mannopyranose-(1-4)-2-acetamido-2-deoxy-beta-D-glucopyranose-(1-4)-2-acetamido-2-deoxy-beta-D-glucopyranose
4 branched 2-acetamido-2-deoxy-beta-D-glucopyranose-(1-4)-2-acetamido-2-deoxy-beta-D-glucopyranose
5 non-polymer 2-acetamido-2-deoxy-beta-D-glucopyranose
6 non-polymer 'NITRATE ION'
7 water water
#
_entity_poly.entity_id   1
_entity_poly.type   'polypeptide(L)'
_entity_poly.pdbx_seq_one_letter_code
;QDLPGNDNSTATLCLGHHAVPNGTLVKTITDDQIEVTNATELVQSSSTGKICNNPHRILDGIDCTLIDALLGDPHCDVFQ
NETWDLFVERSKAFSNCYPYDVPDYASLRSLVASSGTLEFITEGFTWTGVTQNGGSNACKRGPGSGFFSRLNWLTKSGST
YPVLNVTMPNNDNFDKLYIWGVHHPSTNQEQTSLYVQASGRVTVSTRRSQQTIIPNIGSRPWVRGLSSRISIYWTIVKPG
DVLVINSNGNLIAPRGYFKMRTGKSSIMRSDAPIDTCISECITPNGSIPNDKPFQNVNKITYGACPKYVKQNTLKLATGM
RNVPEKQTRGLFGAIAGFIENGWEGMIDGWYGFRWQNSEGTGQAADLKSTQAAIDQINGILNRVIEKTNEKFHQIEKEFS
EVEGRIQDLEKYVEDTKIDLWSYNAELLVALINQHTIDLTDSEMNKLFEKTRRQLRENAEDMGNGCFKIYHKCDNACIES
IRNGTYDHDVYRDEALNNRFQIKGVGGSEPEA
;
_entity_poly.pdbx_strand_id   A
#
# COMPACT_ATOMS: atom_id res chain seq x y z
N ASN A 8 28.62 2.06 60.20
CA ASN A 8 28.57 2.67 58.83
C ASN A 8 28.41 4.20 58.97
N SER A 9 29.47 4.97 58.65
CA SER A 9 29.51 6.45 58.70
C SER A 9 29.19 7.05 57.32
N THR A 10 29.10 6.22 56.28
CA THR A 10 28.91 6.64 54.85
C THR A 10 27.81 5.79 54.21
N ALA A 11 27.41 6.16 52.99
CA ALA A 11 26.49 5.40 52.12
C ALA A 11 26.96 5.49 50.67
N THR A 12 26.57 4.52 49.86
CA THR A 12 26.73 4.53 48.39
C THR A 12 25.34 4.67 47.77
N LEU A 13 25.17 5.62 46.85
CA LEU A 13 23.95 5.78 46.02
C LEU A 13 24.38 5.70 44.56
N CYS A 14 24.12 4.55 43.92
CA CYS A 14 24.39 4.27 42.49
C CYS A 14 23.19 4.65 41.64
N LEU A 15 23.45 5.34 40.53
CA LEU A 15 22.47 5.65 39.46
C LEU A 15 22.69 4.66 38.32
N GLY A 16 21.60 4.05 37.84
CA GLY A 16 21.67 3.04 36.77
C GLY A 16 20.39 2.92 36.00
N HIS A 17 20.41 2.12 34.94
CA HIS A 17 19.28 1.89 34.01
C HIS A 17 19.11 0.38 33.82
N HIS A 18 17.96 -0.03 33.28
CA HIS A 18 17.62 -1.46 33.09
C HIS A 18 18.40 -2.03 31.91
N ALA A 19 18.51 -3.35 31.89
CA ALA A 19 19.06 -4.15 30.78
C ALA A 19 18.28 -5.47 30.73
N VAL A 20 18.38 -6.20 29.63
CA VAL A 20 17.65 -7.49 29.44
C VAL A 20 18.67 -8.56 29.08
N PRO A 21 18.39 -9.85 29.37
CA PRO A 21 19.32 -10.94 29.03
C PRO A 21 19.53 -11.06 27.50
N ASN A 22 18.45 -10.97 26.72
CA ASN A 22 18.48 -11.14 25.24
C ASN A 22 18.96 -9.82 24.63
N GLY A 23 18.08 -9.00 24.03
CA GLY A 23 18.45 -7.76 23.33
C GLY A 23 18.45 -7.92 21.81
N THR A 24 18.41 -6.80 21.07
CA THR A 24 18.26 -6.74 19.59
C THR A 24 19.22 -5.71 18.99
N LEU A 25 19.90 -6.08 17.90
CA LEU A 25 20.83 -5.18 17.14
C LEU A 25 20.00 -4.29 16.21
N VAL A 26 20.32 -2.99 16.18
CA VAL A 26 19.69 -1.97 15.28
C VAL A 26 20.80 -1.11 14.65
N LYS A 27 20.44 -0.34 13.63
CA LYS A 27 21.34 0.60 12.92
C LYS A 27 21.08 2.00 13.45
N THR A 28 22.14 2.80 13.62
CA THR A 28 22.07 4.27 13.83
C THR A 28 22.89 4.94 12.74
N ILE A 29 23.03 6.27 12.78
CA ILE A 29 23.96 7.04 11.91
C ILE A 29 25.40 6.75 12.35
N THR A 30 25.62 6.64 13.66
CA THR A 30 26.95 6.64 14.34
C THR A 30 27.51 5.21 14.47
N ASP A 31 26.63 4.20 14.56
CA ASP A 31 27.01 2.78 14.79
C ASP A 31 26.34 1.89 13.74
N ASP A 32 27.12 1.02 13.09
CA ASP A 32 26.64 0.00 12.11
C ASP A 32 25.65 -0.94 12.82
N GLN A 33 26.04 -1.46 13.98
N GLN A 33 26.03 -1.49 13.97
CA GLN A 33 25.23 -2.35 14.86
CA GLN A 33 25.17 -2.35 14.84
C GLN A 33 25.37 -1.90 16.31
C GLN A 33 25.36 -1.94 16.30
N ILE A 34 24.24 -1.69 17.01
CA ILE A 34 24.20 -1.33 18.45
C ILE A 34 23.04 -2.11 19.08
N GLU A 35 23.28 -2.76 20.22
CA GLU A 35 22.28 -3.58 20.93
C GLU A 35 21.39 -2.66 21.75
N VAL A 36 20.07 -2.78 21.60
CA VAL A 36 19.04 -2.06 22.40
C VAL A 36 18.22 -3.12 23.16
N THR A 37 17.48 -2.68 24.17
CA THR A 37 16.65 -3.56 25.05
C THR A 37 15.46 -4.10 24.28
N ASN A 38 15.00 -3.35 23.27
CA ASN A 38 13.75 -3.65 22.54
C ASN A 38 13.77 -2.93 21.18
N ALA A 39 13.15 -3.53 20.17
CA ALA A 39 13.01 -3.00 18.80
C ALA A 39 11.72 -3.53 18.17
N THR A 40 11.25 -2.90 17.11
CA THR A 40 10.01 -3.28 16.38
C THR A 40 10.28 -3.23 14.87
N GLU A 41 9.59 -4.09 14.12
CA GLU A 41 9.73 -4.26 12.65
C GLU A 41 8.89 -3.17 11.96
N LEU A 42 9.47 -2.47 10.97
CA LEU A 42 8.76 -1.43 10.18
C LEU A 42 8.39 -1.93 8.77
N VAL A 43 8.86 -3.10 8.35
CA VAL A 43 8.57 -3.66 6.99
C VAL A 43 7.62 -4.86 7.14
N GLN A 44 6.41 -4.75 6.59
CA GLN A 44 5.46 -5.90 6.45
C GLN A 44 5.98 -6.78 5.31
N SER A 45 6.35 -8.03 5.63
CA SER A 45 6.98 -8.99 4.68
C SER A 45 6.08 -10.22 4.45
N SER A 46 4.91 -10.23 5.09
CA SER A 46 3.98 -11.39 5.17
C SER A 46 2.59 -10.96 4.68
N SER A 47 1.94 -11.81 3.87
CA SER A 47 0.49 -11.77 3.56
C SER A 47 -0.18 -13.03 4.09
N THR A 48 -1.48 -12.94 4.40
CA THR A 48 -2.36 -14.08 4.73
C THR A 48 -2.56 -14.98 3.49
N GLY A 49 -2.37 -14.44 2.29
CA GLY A 49 -2.56 -15.17 1.01
C GLY A 49 -3.96 -14.99 0.43
N LYS A 50 -4.84 -14.25 1.13
CA LYS A 50 -6.27 -14.09 0.76
C LYS A 50 -6.64 -12.60 0.70
N ILE A 51 -7.41 -12.21 -0.32
CA ILE A 51 -7.99 -10.84 -0.46
C ILE A 51 -9.26 -10.80 0.40
N CYS A 52 -9.31 -9.89 1.38
CA CYS A 52 -10.47 -9.66 2.28
C CYS A 52 -11.50 -8.83 1.50
N ASN A 53 -12.78 -9.23 1.57
CA ASN A 53 -13.88 -8.64 0.75
C ASN A 53 -14.53 -7.46 1.52
N ASN A 54 -13.86 -6.94 2.55
CA ASN A 54 -14.32 -5.81 3.40
C ASN A 54 -13.08 -5.00 3.78
N PRO A 55 -13.06 -3.65 3.69
CA PRO A 55 -14.25 -2.82 3.38
C PRO A 55 -14.43 -2.46 1.89
N HIS A 56 -13.51 -2.88 1.03
CA HIS A 56 -13.55 -2.60 -0.44
C HIS A 56 -14.49 -3.61 -1.09
N ARG A 57 -15.36 -3.15 -1.99
CA ARG A 57 -16.22 -4.04 -2.81
C ARG A 57 -15.32 -4.74 -3.83
N ILE A 58 -15.07 -6.03 -3.61
CA ILE A 58 -14.26 -6.90 -4.52
C ILE A 58 -15.21 -7.59 -5.50
N LEU A 59 -14.94 -7.45 -6.80
CA LEU A 59 -15.64 -8.22 -7.85
C LEU A 59 -14.67 -9.21 -8.48
N ASP A 60 -14.87 -10.49 -8.17
CA ASP A 60 -14.12 -11.64 -8.77
C ASP A 60 -14.59 -11.78 -10.22
N GLY A 61 -13.70 -11.50 -11.18
CA GLY A 61 -13.94 -11.71 -12.62
C GLY A 61 -14.15 -13.17 -12.94
N ILE A 62 -13.60 -14.09 -12.13
CA ILE A 62 -13.69 -15.57 -12.32
C ILE A 62 -13.08 -15.89 -13.69
N ASP A 63 -13.91 -16.22 -14.70
CA ASP A 63 -13.48 -16.67 -16.06
C ASP A 63 -13.44 -15.48 -17.02
N CYS A 64 -13.61 -14.24 -16.54
CA CYS A 64 -13.81 -13.03 -17.37
C CYS A 64 -12.78 -11.95 -17.07
N THR A 65 -12.17 -11.39 -18.12
CA THR A 65 -11.47 -10.09 -18.09
C THR A 65 -12.52 -8.99 -17.97
N LEU A 66 -12.12 -7.81 -17.51
CA LEU A 66 -13.06 -6.65 -17.45
C LEU A 66 -13.56 -6.33 -18.87
N ILE A 67 -12.70 -6.42 -19.88
CA ILE A 67 -13.10 -6.06 -21.28
C ILE A 67 -14.18 -7.04 -21.75
N ASP A 68 -14.05 -8.34 -21.47
CA ASP A 68 -15.05 -9.36 -21.87
C ASP A 68 -16.36 -9.15 -21.12
N ALA A 69 -16.31 -8.65 -19.88
CA ALA A 69 -17.52 -8.26 -19.11
C ALA A 69 -18.16 -7.04 -19.77
N LEU A 70 -17.34 -6.07 -20.19
CA LEU A 70 -17.77 -4.81 -20.86
C LEU A 70 -18.51 -5.16 -22.16
N LEU A 71 -17.85 -5.90 -23.06
CA LEU A 71 -18.37 -6.23 -24.42
C LEU A 71 -19.62 -7.09 -24.30
N GLY A 72 -19.70 -7.94 -23.26
CA GLY A 72 -20.84 -8.83 -23.01
C GLY A 72 -20.65 -10.18 -23.67
N ASP A 73 -19.44 -10.75 -23.54
CA ASP A 73 -19.11 -12.17 -23.88
C ASP A 73 -20.08 -13.04 -23.09
N PRO A 74 -20.91 -13.91 -23.74
CA PRO A 74 -21.99 -14.65 -23.08
C PRO A 74 -21.68 -15.25 -21.70
N HIS A 75 -20.53 -15.90 -21.54
CA HIS A 75 -20.12 -16.53 -20.25
C HIS A 75 -19.83 -15.45 -19.19
N CYS A 76 -19.75 -14.17 -19.59
CA CYS A 76 -19.58 -12.98 -18.70
C CYS A 76 -20.86 -12.18 -18.52
N ASP A 77 -22.02 -12.70 -18.95
CA ASP A 77 -23.32 -11.97 -18.87
C ASP A 77 -23.72 -11.76 -17.41
N VAL A 78 -23.21 -12.57 -16.48
CA VAL A 78 -23.47 -12.41 -15.02
C VAL A 78 -22.90 -11.08 -14.52
N PHE A 79 -21.96 -10.44 -15.23
CA PHE A 79 -21.29 -9.16 -14.82
C PHE A 79 -22.03 -7.93 -15.37
N GLN A 80 -23.21 -8.09 -15.98
CA GLN A 80 -23.99 -6.95 -16.55
C GLN A 80 -24.32 -5.98 -15.40
N ASN A 81 -24.13 -4.69 -15.63
CA ASN A 81 -24.46 -3.59 -14.67
C ASN A 81 -23.66 -3.73 -13.37
N GLU A 82 -22.56 -4.48 -13.38
CA GLU A 82 -21.74 -4.74 -12.17
C GLU A 82 -21.01 -3.46 -11.77
N THR A 83 -20.69 -3.34 -10.48
CA THR A 83 -19.88 -2.24 -9.89
C THR A 83 -18.81 -2.85 -9.00
N TRP A 84 -17.70 -2.16 -8.83
CA TRP A 84 -16.55 -2.61 -7.99
C TRP A 84 -15.79 -1.41 -7.44
N ASP A 85 -15.14 -1.60 -6.29
CA ASP A 85 -13.95 -0.84 -5.85
C ASP A 85 -12.72 -1.51 -6.49
N LEU A 86 -12.60 -2.84 -6.42
CA LEU A 86 -11.47 -3.59 -7.06
C LEU A 86 -11.98 -4.78 -7.86
N PHE A 87 -11.84 -4.69 -9.18
CA PHE A 87 -11.99 -5.85 -10.11
C PHE A 87 -10.72 -6.70 -10.05
N VAL A 88 -10.86 -8.00 -9.74
CA VAL A 88 -9.70 -8.95 -9.79
C VAL A 88 -9.85 -9.83 -11.03
N GLU A 89 -8.89 -9.71 -11.94
CA GLU A 89 -8.76 -10.58 -13.14
C GLU A 89 -7.90 -11.77 -12.76
N ARG A 90 -8.36 -12.97 -13.11
CA ARG A 90 -7.71 -14.26 -12.81
C ARG A 90 -6.90 -14.71 -14.04
N SER A 91 -5.85 -15.48 -13.81
CA SER A 91 -5.03 -16.18 -14.85
C SER A 91 -5.89 -17.11 -15.71
N LYS A 92 -6.92 -17.73 -15.13
CA LYS A 92 -7.78 -18.74 -15.80
C LYS A 92 -8.73 -18.10 -16.82
N ALA A 93 -8.90 -16.77 -16.79
CA ALA A 93 -9.89 -16.05 -17.62
C ALA A 93 -9.66 -16.42 -19.09
N PHE A 94 -10.75 -16.63 -19.83
CA PHE A 94 -10.74 -16.92 -21.29
C PHE A 94 -11.84 -16.08 -21.96
N SER A 95 -11.64 -15.79 -23.24
CA SER A 95 -12.65 -15.17 -24.14
C SER A 95 -13.31 -16.30 -24.93
N ASN A 96 -14.64 -16.26 -25.11
CA ASN A 96 -15.40 -17.33 -25.80
C ASN A 96 -16.48 -16.72 -26.71
N CYS A 97 -16.13 -15.64 -27.43
CA CYS A 97 -17.04 -14.93 -28.35
C CYS A 97 -16.30 -14.71 -29.68
N TYR A 98 -16.66 -13.68 -30.44
CA TYR A 98 -16.00 -13.36 -31.73
C TYR A 98 -14.56 -12.97 -31.42
N PRO A 99 -13.53 -13.51 -32.13
CA PRO A 99 -12.15 -13.10 -31.87
C PRO A 99 -11.98 -11.61 -32.19
N TYR A 100 -11.36 -10.87 -31.27
CA TYR A 100 -11.29 -9.39 -31.31
C TYR A 100 -9.90 -8.91 -30.86
N ASP A 101 -9.54 -7.71 -31.29
CA ASP A 101 -8.43 -6.91 -30.71
C ASP A 101 -8.98 -5.54 -30.28
N VAL A 102 -8.30 -4.91 -29.32
CA VAL A 102 -8.54 -3.51 -28.89
C VAL A 102 -7.23 -2.76 -29.10
N PRO A 103 -7.07 -2.01 -30.21
CA PRO A 103 -5.84 -1.27 -30.50
C PRO A 103 -5.08 -0.68 -29.29
N ASP A 104 -5.80 -0.06 -28.35
CA ASP A 104 -5.22 0.51 -27.09
C ASP A 104 -5.90 -0.18 -25.91
N TYR A 105 -5.89 -1.52 -25.91
CA TYR A 105 -6.51 -2.39 -24.88
C TYR A 105 -6.27 -1.82 -23.46
N ALA A 106 -5.02 -1.53 -23.11
CA ALA A 106 -4.62 -1.12 -21.75
C ALA A 106 -5.39 0.13 -21.32
N SER A 107 -5.54 1.11 -22.21
CA SER A 107 -6.26 2.39 -21.92
C SER A 107 -7.75 2.10 -21.70
N LEU A 108 -8.39 1.31 -22.54
CA LEU A 108 -9.83 1.01 -22.38
C LEU A 108 -10.03 0.27 -21.06
N ARG A 109 -9.20 -0.74 -20.79
CA ARG A 109 -9.21 -1.51 -19.53
C ARG A 109 -9.09 -0.57 -18.33
N SER A 110 -8.14 0.36 -18.39
CA SER A 110 -7.82 1.34 -17.32
C SER A 110 -9.01 2.27 -17.03
N LEU A 111 -9.59 2.89 -18.06
CA LEU A 111 -10.63 3.94 -17.88
C LEU A 111 -11.96 3.30 -17.45
N VAL A 112 -12.24 2.05 -17.85
CA VAL A 112 -13.44 1.30 -17.38
C VAL A 112 -13.20 0.89 -15.91
N ALA A 113 -12.03 0.37 -15.58
CA ALA A 113 -11.62 -0.01 -14.21
C ALA A 113 -11.80 1.18 -13.25
N SER A 114 -11.32 2.36 -13.66
CA SER A 114 -11.32 3.60 -12.86
C SER A 114 -12.75 4.13 -12.70
N SER A 115 -13.61 3.89 -13.69
CA SER A 115 -15.04 4.29 -13.69
C SER A 115 -15.79 3.48 -12.63
N GLY A 116 -15.52 2.19 -12.54
CA GLY A 116 -15.95 1.33 -11.42
C GLY A 116 -17.31 0.70 -11.65
N THR A 117 -17.82 0.72 -12.89
CA THR A 117 -19.23 0.34 -13.22
C THR A 117 -19.31 -0.13 -14.68
N LEU A 118 -20.18 -1.12 -14.94
CA LEU A 118 -20.67 -1.51 -16.29
C LEU A 118 -22.17 -1.18 -16.41
N GLU A 119 -22.67 -0.22 -15.62
CA GLU A 119 -24.04 0.34 -15.75
C GLU A 119 -24.26 0.71 -17.22
N PHE A 120 -25.10 -0.05 -17.92
CA PHE A 120 -25.34 0.08 -19.38
C PHE A 120 -26.78 0.53 -19.61
N ILE A 121 -26.95 1.57 -20.43
CA ILE A 121 -28.27 2.13 -20.79
C ILE A 121 -28.43 1.93 -22.29
N THR A 122 -29.40 1.09 -22.67
CA THR A 122 -29.75 0.78 -24.08
C THR A 122 -30.40 2.05 -24.64
N GLU A 123 -29.98 2.48 -25.83
CA GLU A 123 -30.54 3.67 -26.52
C GLU A 123 -31.23 3.21 -27.81
N GLY A 124 -32.18 4.01 -28.29
CA GLY A 124 -33.07 3.67 -29.42
C GLY A 124 -32.46 4.04 -30.75
N PHE A 125 -31.26 3.52 -31.04
CA PHE A 125 -30.60 3.62 -32.36
C PHE A 125 -31.54 2.98 -33.40
N THR A 126 -31.84 3.70 -34.48
CA THR A 126 -32.65 3.21 -35.63
C THR A 126 -31.68 2.98 -36.80
N TRP A 127 -31.51 1.72 -37.22
CA TRP A 127 -30.60 1.32 -38.32
C TRP A 127 -31.43 0.98 -39.57
N THR A 128 -31.61 1.95 -40.45
CA THR A 128 -32.50 1.87 -41.64
C THR A 128 -31.76 1.17 -42.79
N GLY A 129 -32.36 0.11 -43.34
CA GLY A 129 -31.90 -0.59 -44.55
C GLY A 129 -30.82 -1.62 -44.28
N VAL A 130 -30.63 -2.04 -43.02
CA VAL A 130 -29.67 -3.12 -42.62
C VAL A 130 -30.36 -4.11 -41.68
N THR A 131 -29.94 -5.38 -41.68
CA THR A 131 -30.42 -6.45 -40.77
C THR A 131 -29.56 -6.43 -39.50
N GLN A 132 -30.21 -6.36 -38.34
CA GLN A 132 -29.55 -6.18 -37.02
C GLN A 132 -29.27 -7.55 -36.41
N ASN A 133 -28.57 -7.56 -35.28
CA ASN A 133 -28.49 -8.70 -34.32
C ASN A 133 -27.76 -9.89 -34.94
N GLY A 134 -26.75 -9.62 -35.78
CA GLY A 134 -25.90 -10.66 -36.40
C GLY A 134 -25.23 -11.51 -35.35
N GLY A 135 -25.15 -12.83 -35.59
CA GLY A 135 -24.61 -13.83 -34.66
C GLY A 135 -23.56 -14.72 -35.31
N SER A 136 -22.81 -15.45 -34.50
CA SER A 136 -21.72 -16.37 -34.93
C SER A 136 -21.66 -17.60 -34.02
N ASN A 137 -21.28 -18.75 -34.58
CA ASN A 137 -21.09 -20.03 -33.84
C ASN A 137 -19.85 -19.97 -32.93
N ALA A 138 -18.97 -18.97 -33.11
CA ALA A 138 -17.81 -18.67 -32.23
C ALA A 138 -18.26 -17.98 -30.94
N CYS A 139 -19.52 -17.51 -30.87
CA CYS A 139 -20.11 -16.78 -29.72
C CYS A 139 -21.51 -17.35 -29.41
N LYS A 140 -21.57 -18.60 -28.96
CA LYS A 140 -22.83 -19.30 -28.60
C LYS A 140 -23.45 -18.63 -27.36
N ARG A 141 -24.73 -18.27 -27.42
CA ARG A 141 -25.57 -17.93 -26.23
C ARG A 141 -26.83 -18.80 -26.28
N GLY A 142 -26.97 -19.73 -25.34
CA GLY A 142 -27.97 -20.80 -25.37
C GLY A 142 -27.60 -21.85 -26.42
N PRO A 143 -28.57 -22.55 -27.05
CA PRO A 143 -28.24 -23.57 -28.05
C PRO A 143 -27.70 -23.01 -29.38
N GLY A 144 -28.16 -21.81 -29.78
CA GLY A 144 -27.86 -21.19 -31.08
C GLY A 144 -26.72 -20.18 -31.03
N SER A 145 -26.30 -19.74 -32.22
CA SER A 145 -25.28 -18.68 -32.45
C SER A 145 -25.73 -17.36 -31.80
N GLY A 146 -24.77 -16.55 -31.33
CA GLY A 146 -25.04 -15.24 -30.70
C GLY A 146 -23.91 -14.26 -30.93
N PHE A 147 -23.84 -13.22 -30.09
CA PHE A 147 -22.87 -12.10 -30.20
C PHE A 147 -22.69 -11.44 -28.83
N PHE A 148 -21.73 -10.53 -28.76
CA PHE A 148 -21.52 -9.60 -27.60
C PHE A 148 -22.87 -8.95 -27.28
N SER A 149 -23.29 -9.00 -26.01
CA SER A 149 -24.59 -8.47 -25.53
C SER A 149 -24.68 -6.96 -25.80
N ARG A 150 -23.56 -6.24 -25.76
CA ARG A 150 -23.55 -4.75 -25.78
C ARG A 150 -23.24 -4.22 -27.19
N LEU A 151 -23.04 -5.11 -28.16
CA LEU A 151 -22.74 -4.75 -29.57
C LEU A 151 -23.83 -5.32 -30.50
N ASN A 152 -24.01 -4.67 -31.66
CA ASN A 152 -25.08 -4.97 -32.64
C ASN A 152 -24.42 -5.17 -34.01
N TRP A 153 -24.25 -6.42 -34.43
CA TRP A 153 -23.64 -6.78 -35.73
C TRP A 153 -24.64 -6.48 -36.86
N LEU A 154 -24.36 -5.44 -37.64
CA LEU A 154 -25.19 -4.99 -38.79
C LEU A 154 -24.65 -5.61 -40.07
N THR A 155 -25.54 -6.15 -40.92
CA THR A 155 -25.23 -6.72 -42.26
C THR A 155 -26.28 -6.24 -43.27
N LYS A 156 -26.15 -6.62 -44.54
CA LYS A 156 -27.05 -6.19 -45.64
C LYS A 156 -28.49 -6.67 -45.37
N SER A 157 -29.48 -5.90 -45.84
CA SER A 157 -30.91 -6.29 -45.96
C SER A 157 -31.25 -6.40 -47.45
N GLY A 158 -31.90 -7.50 -47.85
CA GLY A 158 -32.03 -7.90 -49.25
C GLY A 158 -30.65 -8.00 -49.90
N SER A 159 -30.34 -7.05 -50.79
CA SER A 159 -29.10 -7.03 -51.63
C SER A 159 -28.37 -5.69 -51.56
N THR A 160 -28.72 -4.78 -50.62
CA THR A 160 -28.09 -3.44 -50.46
C THR A 160 -27.69 -3.20 -48.98
N TYR A 161 -26.61 -2.45 -48.78
CA TYR A 161 -26.16 -1.88 -47.48
C TYR A 161 -26.00 -0.37 -47.65
N PRO A 162 -26.94 0.47 -47.17
CA PRO A 162 -26.85 1.92 -47.37
C PRO A 162 -25.78 2.60 -46.49
N VAL A 163 -25.45 3.85 -46.82
CA VAL A 163 -24.66 4.76 -45.93
C VAL A 163 -25.48 4.97 -44.65
N LEU A 164 -25.10 4.30 -43.56
CA LEU A 164 -25.73 4.49 -42.23
C LEU A 164 -25.28 5.84 -41.69
N ASN A 165 -26.23 6.66 -41.22
CA ASN A 165 -25.97 8.05 -40.78
C ASN A 165 -26.95 8.38 -39.65
N VAL A 166 -26.59 7.97 -38.42
CA VAL A 166 -27.43 8.11 -37.20
C VAL A 166 -26.74 9.06 -36.23
N THR A 167 -27.53 9.71 -35.37
CA THR A 167 -27.05 10.60 -34.29
C THR A 167 -27.72 10.21 -32.98
N MET A 168 -27.04 10.46 -31.87
CA MET A 168 -27.58 10.23 -30.50
C MET A 168 -27.06 11.35 -29.59
N PRO A 169 -27.90 12.33 -29.21
CA PRO A 169 -27.45 13.44 -28.39
C PRO A 169 -27.25 13.05 -26.91
N ASN A 170 -26.28 13.69 -26.24
CA ASN A 170 -26.09 13.56 -24.77
C ASN A 170 -26.71 14.80 -24.12
N ASN A 171 -27.94 14.63 -23.63
CA ASN A 171 -28.72 15.66 -22.90
C ASN A 171 -28.66 15.40 -21.39
N ASP A 172 -27.88 14.39 -20.97
CA ASP A 172 -27.65 14.05 -19.54
C ASP A 172 -26.52 14.94 -19.00
N ASN A 173 -26.23 14.82 -17.70
CA ASN A 173 -25.26 15.68 -16.96
C ASN A 173 -24.03 14.85 -16.55
N PHE A 174 -23.82 13.70 -17.21
CA PHE A 174 -22.65 12.81 -17.04
C PHE A 174 -22.09 12.42 -18.41
N ASP A 175 -20.87 11.89 -18.39
CA ASP A 175 -20.15 11.37 -19.59
C ASP A 175 -20.73 10.02 -19.98
N LYS A 176 -21.02 9.84 -21.27
CA LYS A 176 -21.44 8.54 -21.88
C LYS A 176 -20.23 7.90 -22.55
N LEU A 177 -19.94 6.64 -22.23
CA LEU A 177 -18.89 5.83 -22.90
C LEU A 177 -19.59 4.94 -23.92
N TYR A 178 -19.30 5.13 -25.21
CA TYR A 178 -19.78 4.29 -26.34
C TYR A 178 -18.68 3.34 -26.77
N ILE A 179 -18.95 2.03 -26.70
CA ILE A 179 -18.10 0.92 -27.22
C ILE A 179 -18.71 0.45 -28.55
N TRP A 180 -17.92 0.50 -29.62
CA TRP A 180 -18.31 0.11 -31.00
C TRP A 180 -17.12 -0.61 -31.63
N GLY A 181 -17.29 -1.15 -32.83
CA GLY A 181 -16.25 -1.97 -33.47
C GLY A 181 -16.31 -1.91 -34.99
N VAL A 182 -15.25 -2.42 -35.61
CA VAL A 182 -15.10 -2.59 -37.07
C VAL A 182 -14.82 -4.07 -37.33
N HIS A 183 -15.59 -4.69 -38.23
CA HIS A 183 -15.41 -6.09 -38.69
C HIS A 183 -14.30 -6.12 -39.74
N HIS A 184 -13.40 -7.09 -39.61
CA HIS A 184 -12.32 -7.39 -40.59
C HIS A 184 -12.59 -8.75 -41.22
N PRO A 185 -13.26 -8.83 -42.40
CA PRO A 185 -13.51 -10.11 -43.07
C PRO A 185 -12.23 -10.82 -43.53
N SER A 186 -12.28 -12.15 -43.66
CA SER A 186 -11.12 -13.00 -44.03
C SER A 186 -10.86 -12.90 -45.54
N THR A 187 -11.90 -12.83 -46.37
CA THR A 187 -11.81 -12.79 -47.86
C THR A 187 -12.65 -11.63 -48.44
N ASN A 188 -12.35 -11.24 -49.67
CA ASN A 188 -13.15 -10.28 -50.48
C ASN A 188 -14.57 -10.82 -50.65
N GLN A 189 -14.70 -12.13 -50.88
CA GLN A 189 -15.99 -12.90 -50.90
C GLN A 189 -16.79 -12.56 -49.64
N GLU A 190 -16.19 -12.68 -48.46
CA GLU A 190 -16.88 -12.45 -47.15
C GLU A 190 -17.29 -10.99 -47.00
N GLN A 191 -16.45 -10.04 -47.46
CA GLN A 191 -16.73 -8.57 -47.38
C GLN A 191 -18.01 -8.28 -48.17
N THR A 192 -18.07 -8.67 -49.44
CA THR A 192 -19.20 -8.34 -50.38
C THR A 192 -20.51 -8.98 -49.87
N SER A 193 -20.46 -10.21 -49.34
CA SER A 193 -21.64 -10.99 -48.87
C SER A 193 -22.33 -10.29 -47.70
N LEU A 194 -21.55 -9.79 -46.74
CA LEU A 194 -22.07 -9.16 -45.50
C LEU A 194 -22.41 -7.70 -45.80
N TYR A 195 -21.45 -6.96 -46.34
CA TYR A 195 -21.49 -5.50 -46.64
C TYR A 195 -21.19 -5.31 -48.12
N VAL A 196 -22.18 -4.85 -48.89
CA VAL A 196 -22.21 -4.95 -50.37
C VAL A 196 -20.92 -4.34 -50.95
N GLN A 197 -20.47 -3.21 -50.40
CA GLN A 197 -19.29 -2.44 -50.90
C GLN A 197 -18.01 -3.26 -50.69
N ALA A 198 -17.06 -3.19 -51.63
CA ALA A 198 -15.79 -3.94 -51.60
C ALA A 198 -14.87 -3.42 -50.49
N SER A 199 -15.07 -2.15 -50.07
CA SER A 199 -14.26 -1.47 -49.03
C SER A 199 -15.19 -0.72 -48.05
N GLY A 200 -15.15 -1.11 -46.78
CA GLY A 200 -15.98 -0.54 -45.70
C GLY A 200 -15.39 0.72 -45.11
N ARG A 201 -16.07 1.31 -44.12
CA ARG A 201 -15.71 2.62 -43.51
C ARG A 201 -16.54 2.81 -42.24
N VAL A 202 -15.91 3.24 -41.14
CA VAL A 202 -16.58 3.59 -39.86
C VAL A 202 -15.97 4.91 -39.38
N THR A 203 -16.76 5.98 -39.42
CA THR A 203 -16.46 7.31 -38.84
C THR A 203 -17.44 7.50 -37.68
N VAL A 204 -16.89 7.71 -36.49
CA VAL A 204 -17.64 7.98 -35.24
C VAL A 204 -17.06 9.27 -34.66
N SER A 205 -17.89 10.29 -34.49
CA SER A 205 -17.42 11.66 -34.15
C SER A 205 -18.30 12.30 -33.07
N THR A 206 -17.70 13.29 -32.40
CA THR A 206 -18.36 14.35 -31.59
C THR A 206 -18.00 15.69 -32.22
N ARG A 207 -18.33 16.80 -31.57
CA ARG A 207 -18.11 18.16 -32.13
C ARG A 207 -16.62 18.44 -32.29
N ARG A 208 -15.78 17.97 -31.36
CA ARG A 208 -14.30 18.23 -31.38
C ARG A 208 -13.52 16.97 -31.81
N SER A 209 -14.05 15.76 -31.59
CA SER A 209 -13.32 14.48 -31.79
C SER A 209 -13.91 13.68 -32.96
N GLN A 210 -13.06 12.95 -33.67
CA GLN A 210 -13.47 11.97 -34.72
C GLN A 210 -12.49 10.79 -34.75
N GLN A 211 -13.01 9.61 -35.06
CA GLN A 211 -12.22 8.37 -35.32
C GLN A 211 -12.62 7.89 -36.72
N THR A 212 -11.62 7.58 -37.55
CA THR A 212 -11.77 7.20 -38.97
C THR A 212 -11.10 5.83 -39.16
N ILE A 213 -11.87 4.74 -39.24
CA ILE A 213 -11.31 3.35 -39.32
C ILE A 213 -11.74 2.69 -40.63
N ILE A 214 -10.75 2.16 -41.37
CA ILE A 214 -10.92 1.40 -42.65
C ILE A 214 -10.66 -0.07 -42.34
N PRO A 215 -11.61 -0.99 -42.64
CA PRO A 215 -11.38 -2.42 -42.43
C PRO A 215 -10.32 -2.99 -43.39
N ASN A 216 -9.54 -3.96 -42.90
CA ASN A 216 -8.47 -4.68 -43.64
C ASN A 216 -8.93 -6.12 -43.85
N ILE A 217 -9.11 -6.53 -45.11
CA ILE A 217 -9.56 -7.90 -45.48
C ILE A 217 -8.31 -8.80 -45.45
N GLY A 218 -8.41 -9.99 -44.84
CA GLY A 218 -7.31 -10.98 -44.83
C GLY A 218 -7.52 -12.04 -43.78
N SER A 219 -6.89 -13.21 -43.96
CA SER A 219 -6.93 -14.32 -42.99
C SER A 219 -6.05 -13.98 -41.78
N ARG A 220 -6.65 -13.96 -40.59
CA ARG A 220 -5.95 -13.98 -39.28
C ARG A 220 -5.89 -15.44 -38.82
N PRO A 221 -5.17 -15.78 -37.73
CA PRO A 221 -5.17 -17.16 -37.23
C PRO A 221 -6.58 -17.59 -36.83
N TRP A 222 -6.97 -18.79 -37.26
CA TRP A 222 -8.21 -19.52 -36.86
C TRP A 222 -8.41 -19.45 -35.34
N VAL A 223 -9.49 -18.80 -34.88
CA VAL A 223 -9.93 -18.81 -33.45
C VAL A 223 -11.44 -19.06 -33.44
N ARG A 224 -11.85 -20.20 -32.86
CA ARG A 224 -13.26 -20.65 -32.70
C ARG A 224 -13.97 -20.69 -34.06
N GLY A 225 -13.31 -21.22 -35.09
CA GLY A 225 -13.89 -21.36 -36.44
C GLY A 225 -13.45 -20.28 -37.41
N LEU A 226 -13.03 -19.10 -36.92
CA LEU A 226 -12.97 -17.85 -37.75
C LEU A 226 -11.54 -17.35 -37.92
N SER A 227 -11.21 -16.91 -39.14
CA SER A 227 -9.99 -16.14 -39.49
C SER A 227 -10.34 -14.64 -39.59
N SER A 228 -11.62 -14.28 -39.37
CA SER A 228 -12.11 -12.88 -39.31
C SER A 228 -11.83 -12.30 -37.91
N ARG A 229 -11.92 -10.98 -37.77
CA ARG A 229 -11.68 -10.26 -36.48
C ARG A 229 -12.59 -9.04 -36.39
N ILE A 230 -12.95 -8.66 -35.15
CA ILE A 230 -13.56 -7.35 -34.81
C ILE A 230 -12.48 -6.53 -34.08
N SER A 231 -12.26 -5.30 -34.52
CA SER A 231 -11.42 -4.30 -33.80
C SER A 231 -12.34 -3.40 -32.97
N ILE A 232 -12.05 -3.23 -31.68
CA ILE A 232 -12.91 -2.53 -30.69
C ILE A 232 -12.36 -1.12 -30.49
N TYR A 233 -13.25 -0.14 -30.55
CA TYR A 233 -12.96 1.30 -30.34
C TYR A 233 -13.94 1.83 -29.29
N TRP A 234 -13.61 2.98 -28.72
CA TRP A 234 -14.47 3.69 -27.74
C TRP A 234 -14.54 5.18 -28.11
N THR A 235 -15.64 5.83 -27.76
CA THR A 235 -15.85 7.30 -27.86
C THR A 235 -16.53 7.75 -26.57
N ILE A 236 -15.99 8.78 -25.89
CA ILE A 236 -16.66 9.50 -24.77
C ILE A 236 -17.39 10.70 -25.37
N VAL A 237 -18.64 10.93 -24.96
CA VAL A 237 -19.42 12.12 -25.35
C VAL A 237 -19.85 12.84 -24.07
N LYS A 238 -19.45 14.11 -23.92
CA LYS A 238 -19.72 14.95 -22.72
C LYS A 238 -21.16 15.47 -22.79
N PRO A 239 -21.74 15.94 -21.66
CA PRO A 239 -22.99 16.69 -21.68
C PRO A 239 -22.98 17.87 -22.66
N GLY A 240 -24.05 18.04 -23.43
CA GLY A 240 -24.19 19.11 -24.43
C GLY A 240 -23.69 18.66 -25.79
N ASP A 241 -22.66 17.80 -25.83
CA ASP A 241 -22.08 17.24 -27.08
C ASP A 241 -23.01 16.14 -27.60
N VAL A 242 -22.75 15.64 -28.82
CA VAL A 242 -23.60 14.65 -29.55
C VAL A 242 -22.67 13.60 -30.19
N LEU A 243 -23.17 12.38 -30.37
CA LEU A 243 -22.52 11.31 -31.16
C LEU A 243 -23.13 11.26 -32.57
N VAL A 244 -22.30 11.19 -33.61
CA VAL A 244 -22.75 10.76 -34.97
C VAL A 244 -21.88 9.57 -35.41
N ILE A 245 -22.54 8.52 -35.92
CA ILE A 245 -21.92 7.29 -36.49
C ILE A 245 -22.25 7.28 -37.98
N ASN A 246 -21.23 7.14 -38.83
CA ASN A 246 -21.35 7.16 -40.31
C ASN A 246 -20.53 5.98 -40.87
N SER A 247 -21.20 5.02 -41.53
CA SER A 247 -20.58 3.80 -42.10
C SER A 247 -21.26 3.39 -43.41
N ASN A 248 -20.46 3.00 -44.41
CA ASN A 248 -20.89 2.30 -45.66
C ASN A 248 -20.58 0.80 -45.53
N GLY A 249 -20.32 0.29 -44.32
CA GLY A 249 -20.03 -1.15 -44.11
C GLY A 249 -19.14 -1.41 -42.90
N ASN A 250 -19.26 -2.61 -42.34
CA ASN A 250 -18.32 -3.24 -41.36
C ASN A 250 -18.55 -2.67 -39.96
N LEU A 251 -19.57 -1.83 -39.73
CA LEU A 251 -19.88 -1.26 -38.40
C LEU A 251 -20.38 -2.38 -37.48
N ILE A 252 -19.68 -2.56 -36.35
CA ILE A 252 -20.21 -3.27 -35.15
C ILE A 252 -20.74 -2.17 -34.23
N ALA A 253 -22.07 -2.07 -34.14
CA ALA A 253 -22.78 -0.88 -33.64
C ALA A 253 -22.91 -0.96 -32.12
N PRO A 254 -22.90 0.17 -31.40
CA PRO A 254 -23.20 0.18 -29.97
C PRO A 254 -24.72 -0.01 -29.83
N ARG A 255 -25.16 -0.64 -28.74
CA ARG A 255 -26.58 -0.77 -28.33
C ARG A 255 -26.98 0.43 -27.46
N GLY A 256 -26.00 1.26 -27.08
CA GLY A 256 -26.18 2.34 -26.08
C GLY A 256 -24.85 2.67 -25.42
N TYR A 257 -24.88 3.20 -24.21
CA TYR A 257 -23.69 3.74 -23.51
C TYR A 257 -23.54 3.14 -22.11
N PHE A 258 -22.29 3.16 -21.65
CA PHE A 258 -21.88 2.90 -20.24
C PHE A 258 -21.81 4.24 -19.51
N LYS A 259 -22.46 4.32 -18.34
CA LYS A 259 -22.45 5.54 -17.49
C LYS A 259 -21.08 5.63 -16.81
N MET A 260 -20.35 6.72 -17.04
CA MET A 260 -18.97 6.92 -16.55
C MET A 260 -19.03 7.61 -15.18
N ARG A 261 -18.18 7.17 -14.25
CA ARG A 261 -18.08 7.72 -12.88
C ARG A 261 -16.62 8.02 -12.54
N THR A 262 -16.42 8.87 -11.53
CA THR A 262 -15.12 9.24 -10.94
C THR A 262 -15.06 8.61 -9.54
N GLY A 263 -13.87 8.26 -9.06
CA GLY A 263 -13.64 7.84 -7.66
C GLY A 263 -12.58 6.75 -7.52
N LYS A 264 -12.80 5.83 -6.59
CA LYS A 264 -11.75 5.01 -5.93
C LYS A 264 -11.47 3.72 -6.71
N SER A 265 -12.21 3.42 -7.79
CA SER A 265 -12.24 2.08 -8.42
C SER A 265 -10.93 1.81 -9.18
N SER A 266 -10.48 0.57 -9.17
CA SER A 266 -9.29 0.09 -9.91
C SER A 266 -9.46 -1.37 -10.28
N ILE A 267 -8.40 -1.97 -10.80
CA ILE A 267 -8.34 -3.38 -11.28
C ILE A 267 -6.99 -3.96 -10.87
N MET A 268 -6.96 -5.26 -10.54
CA MET A 268 -5.72 -5.95 -10.12
C MET A 268 -5.70 -7.37 -10.71
N ARG A 269 -4.52 -7.83 -11.17
CA ARG A 269 -4.29 -9.23 -11.58
C ARG A 269 -3.86 -10.02 -10.34
N SER A 270 -4.65 -11.01 -9.93
CA SER A 270 -4.38 -11.90 -8.77
C SER A 270 -5.09 -13.24 -8.94
N ASP A 271 -4.47 -14.31 -8.42
CA ASP A 271 -5.06 -15.67 -8.30
C ASP A 271 -5.34 -16.00 -6.82
N ALA A 272 -5.16 -15.03 -5.92
CA ALA A 272 -5.43 -15.17 -4.47
C ALA A 272 -6.94 -15.33 -4.28
N PRO A 273 -7.41 -16.29 -3.46
CA PRO A 273 -8.85 -16.44 -3.22
C PRO A 273 -9.38 -15.27 -2.37
N ILE A 274 -10.66 -14.92 -2.59
CA ILE A 274 -11.40 -13.88 -1.81
C ILE A 274 -11.88 -14.57 -0.54
N ASP A 275 -11.68 -13.92 0.62
CA ASP A 275 -12.09 -14.46 1.94
C ASP A 275 -12.98 -13.41 2.63
N THR A 276 -13.79 -13.89 3.58
CA THR A 276 -14.65 -13.08 4.48
C THR A 276 -13.81 -12.62 5.67
N CYS A 277 -13.08 -11.52 5.50
CA CYS A 277 -12.27 -10.85 6.55
C CYS A 277 -12.22 -9.34 6.27
N ILE A 278 -11.54 -8.57 7.11
CA ILE A 278 -11.41 -7.09 6.98
C ILE A 278 -9.93 -6.74 6.85
N SER A 279 -9.56 -6.07 5.77
CA SER A 279 -8.21 -5.46 5.59
C SER A 279 -8.30 -4.28 4.61
N GLU A 280 -7.71 -3.14 4.97
CA GLU A 280 -7.69 -1.91 4.14
C GLU A 280 -6.80 -2.14 2.91
N CYS A 281 -5.67 -2.81 3.07
CA CYS A 281 -4.61 -2.91 2.03
C CYS A 281 -4.70 -4.23 1.27
N ILE A 282 -4.83 -4.16 -0.06
CA ILE A 282 -4.88 -5.35 -0.96
C ILE A 282 -3.61 -5.34 -1.82
N THR A 283 -2.95 -6.50 -1.92
CA THR A 283 -1.86 -6.81 -2.89
C THR A 283 -2.26 -8.06 -3.69
N PRO A 284 -1.63 -8.33 -4.85
CA PRO A 284 -1.90 -9.56 -5.62
C PRO A 284 -1.60 -10.86 -4.86
N ASN A 285 -0.78 -10.79 -3.81
CA ASN A 285 -0.39 -11.93 -2.93
C ASN A 285 -1.48 -12.17 -1.88
N GLY A 286 -2.41 -11.21 -1.71
CA GLY A 286 -3.46 -11.21 -0.69
C GLY A 286 -3.40 -9.92 0.11
N SER A 287 -4.37 -9.72 1.01
CA SER A 287 -4.42 -8.54 1.90
C SER A 287 -3.22 -8.56 2.84
N ILE A 288 -2.72 -7.38 3.22
CA ILE A 288 -1.65 -7.22 4.24
C ILE A 288 -2.15 -6.23 5.28
N PRO A 289 -1.74 -6.40 6.56
CA PRO A 289 -1.96 -5.36 7.57
C PRO A 289 -1.17 -4.07 7.24
N ASN A 290 -1.67 -2.92 7.71
CA ASN A 290 -1.14 -1.58 7.37
C ASN A 290 -0.72 -0.85 8.66
N ASP A 291 -0.39 -1.59 9.72
CA ASP A 291 0.11 -1.00 10.99
C ASP A 291 1.55 -0.51 10.77
N LYS A 292 2.31 -1.12 9.86
CA LYS A 292 3.74 -0.78 9.61
C LYS A 292 3.81 0.28 8.52
N PRO A 293 4.82 1.20 8.56
CA PRO A 293 4.96 2.24 7.53
C PRO A 293 5.35 1.71 6.14
N PHE A 294 6.09 0.59 6.09
CA PHE A 294 6.71 0.02 4.86
C PHE A 294 6.27 -1.43 4.67
N GLN A 295 6.39 -1.94 3.44
CA GLN A 295 6.10 -3.36 3.10
C GLN A 295 7.01 -3.83 1.95
N ASN A 296 7.33 -5.12 1.96
CA ASN A 296 8.22 -5.79 0.97
C ASN A 296 7.46 -6.90 0.23
N VAL A 297 6.11 -6.88 0.22
CA VAL A 297 5.31 -8.00 -0.36
C VAL A 297 5.14 -7.77 -1.86
N ASN A 298 4.71 -6.58 -2.28
CA ASN A 298 4.40 -6.29 -3.70
C ASN A 298 4.33 -4.77 -3.90
N LYS A 299 4.93 -4.30 -4.99
CA LYS A 299 4.86 -2.88 -5.44
C LYS A 299 3.44 -2.56 -5.95
N ILE A 300 2.65 -3.57 -6.30
CA ILE A 300 1.21 -3.40 -6.69
C ILE A 300 0.40 -3.47 -5.39
N THR A 301 -0.31 -2.39 -5.07
CA THR A 301 -1.20 -2.30 -3.88
C THR A 301 -2.46 -1.52 -4.24
N TYR A 302 -3.50 -1.70 -3.43
CA TYR A 302 -4.77 -0.96 -3.49
C TYR A 302 -5.20 -0.69 -2.03
N GLY A 303 -5.55 0.57 -1.74
CA GLY A 303 -6.11 1.00 -0.44
C GLY A 303 -5.07 1.64 0.46
N ALA A 304 -5.41 1.81 1.74
CA ALA A 304 -4.54 2.35 2.80
C ALA A 304 -3.45 1.33 3.10
N CYS A 305 -2.28 1.51 2.48
CA CYS A 305 -1.18 0.51 2.42
C CYS A 305 0.11 1.10 2.95
N PRO A 306 1.01 0.27 3.52
CA PRO A 306 2.40 0.67 3.74
C PRO A 306 3.09 0.92 2.39
N LYS A 307 4.13 1.76 2.38
CA LYS A 307 4.91 2.08 1.16
C LYS A 307 5.82 0.90 0.84
N TYR A 308 5.87 0.48 -0.43
CA TYR A 308 6.75 -0.61 -0.90
C TYR A 308 8.21 -0.14 -0.84
N VAL A 309 9.11 -0.99 -0.32
CA VAL A 309 10.57 -0.73 -0.22
C VAL A 309 11.31 -2.03 -0.56
N LYS A 310 12.61 -1.93 -0.88
CA LYS A 310 13.44 -3.10 -1.27
C LYS A 310 13.84 -3.91 -0.03
N GLN A 311 14.00 -3.26 1.13
CA GLN A 311 14.45 -3.93 2.38
C GLN A 311 13.39 -4.95 2.80
N ASN A 312 13.82 -6.12 3.28
CA ASN A 312 12.92 -7.18 3.81
C ASN A 312 12.74 -6.99 5.32
N THR A 313 13.54 -6.12 5.96
CA THR A 313 13.41 -5.82 7.41
C THR A 313 14.04 -4.45 7.72
N LEU A 314 13.41 -3.70 8.61
CA LEU A 314 13.97 -2.48 9.24
C LEU A 314 13.55 -2.48 10.72
N LYS A 315 14.54 -2.45 11.62
CA LYS A 315 14.32 -2.54 13.08
C LYS A 315 14.45 -1.14 13.67
N LEU A 316 13.33 -0.59 14.17
CA LEU A 316 13.28 0.67 14.95
C LEU A 316 13.43 0.33 16.43
N ALA A 317 14.42 0.94 17.09
CA ALA A 317 14.65 0.90 18.56
C ALA A 317 13.42 1.48 19.28
N THR A 318 12.87 0.72 20.24
CA THR A 318 11.79 1.16 21.17
C THR A 318 12.32 1.12 22.61
N GLY A 319 13.63 1.06 22.79
CA GLY A 319 14.31 0.99 24.09
C GLY A 319 15.71 1.56 23.99
N MET A 320 16.41 1.61 25.13
CA MET A 320 17.75 2.20 25.27
C MET A 320 18.82 1.14 24.90
N ARG A 321 20.08 1.58 24.79
CA ARG A 321 21.27 0.69 24.64
C ARG A 321 21.17 -0.43 25.69
N ASN A 322 21.45 -1.67 25.28
CA ASN A 322 21.41 -2.84 26.19
C ASN A 322 22.84 -3.14 26.63
N VAL A 323 23.12 -2.95 27.93
CA VAL A 323 24.46 -3.19 28.55
C VAL A 323 24.26 -4.15 29.72
N PRO A 324 24.28 -5.48 29.48
CA PRO A 324 24.13 -6.46 30.56
C PRO A 324 25.41 -6.69 31.38
N ARG A 329 34.14 -11.04 39.33
CA ARG A 329 35.17 -12.11 39.46
C ARG A 329 35.54 -12.31 40.94
N GLY A 330 34.56 -12.72 41.76
CA GLY A 330 34.71 -12.92 43.21
C GLY A 330 34.11 -11.79 44.04
N LEU A 331 33.88 -10.60 43.45
CA LEU A 331 33.41 -9.35 44.11
C LEU A 331 31.88 -9.22 43.98
N PHE A 332 31.13 -9.82 44.90
CA PHE A 332 29.64 -9.88 44.83
C PHE A 332 28.99 -8.83 45.73
N GLY A 333 29.70 -8.31 46.75
CA GLY A 333 29.20 -7.29 47.68
C GLY A 333 28.94 -5.95 47.00
N ALA A 334 29.95 -5.44 46.27
CA ALA A 334 30.01 -4.07 45.70
C ALA A 334 28.83 -3.82 44.74
N ILE A 335 28.32 -2.59 44.73
CA ILE A 335 27.33 -2.08 43.73
C ILE A 335 28.04 -1.10 42.79
N ALA A 336 27.50 -0.90 41.60
CA ALA A 336 28.05 -0.06 40.52
C ALA A 336 26.91 0.59 39.74
N GLY A 337 27.18 1.68 39.03
CA GLY A 337 26.17 2.47 38.30
C GLY A 337 26.29 2.32 36.80
N PHE A 338 25.68 3.26 36.06
CA PHE A 338 25.50 3.23 34.58
C PHE A 338 26.84 3.34 33.84
N ILE A 339 27.89 3.91 34.44
CA ILE A 339 29.21 4.04 33.76
C ILE A 339 29.73 2.62 33.45
N GLU A 340 29.54 1.66 34.36
CA GLU A 340 30.05 0.27 34.21
C GLU A 340 29.09 -0.53 33.32
N ASN A 341 27.79 -0.57 33.66
CA ASN A 341 26.81 -1.45 32.99
C ASN A 341 25.38 -1.12 33.42
N GLY A 342 24.41 -1.75 32.77
CA GLY A 342 22.98 -1.73 33.13
C GLY A 342 22.64 -2.81 34.15
N TRP A 343 21.45 -2.72 34.75
CA TRP A 343 20.93 -3.63 35.82
C TRP A 343 19.81 -4.51 35.25
N GLU A 344 20.02 -5.83 35.16
CA GLU A 344 19.01 -6.82 34.70
C GLU A 344 17.94 -7.05 35.78
N GLY A 345 18.25 -6.77 37.05
CA GLY A 345 17.33 -6.93 38.19
C GLY A 345 16.25 -5.85 38.22
N MET A 346 16.47 -4.69 37.59
CA MET A 346 15.58 -3.49 37.65
C MET A 346 14.27 -3.78 36.88
N ILE A 347 13.27 -4.32 37.60
CA ILE A 347 11.94 -4.77 37.07
C ILE A 347 11.03 -3.57 36.81
N ASP A 348 10.95 -2.62 37.76
CA ASP A 348 9.83 -1.63 37.88
C ASP A 348 10.08 -0.37 37.05
N GLY A 349 11.22 -0.23 36.39
CA GLY A 349 11.51 1.02 35.66
C GLY A 349 12.68 0.89 34.70
N TRP A 350 12.88 1.94 33.91
CA TRP A 350 13.97 2.06 32.90
C TRP A 350 15.23 2.60 33.58
N TYR A 351 15.04 3.56 34.49
CA TYR A 351 16.08 4.23 35.29
C TYR A 351 15.73 4.13 36.77
N GLY A 352 16.74 4.27 37.65
CA GLY A 352 16.50 4.28 39.11
C GLY A 352 17.78 4.26 39.92
N PHE A 353 17.65 3.83 41.18
CA PHE A 353 18.68 3.95 42.24
C PHE A 353 18.97 2.57 42.84
N ARG A 354 20.24 2.36 43.16
CA ARG A 354 20.73 1.27 44.04
C ARG A 354 21.61 1.89 45.12
N TRP A 355 21.46 1.45 46.36
CA TRP A 355 22.22 2.03 47.50
C TRP A 355 22.67 0.95 48.49
N GLN A 356 23.79 1.21 49.17
CA GLN A 356 24.32 0.47 50.33
C GLN A 356 24.39 1.45 51.50
N ASN A 357 23.79 1.10 52.65
CA ASN A 357 23.75 1.97 53.86
C ASN A 357 23.69 1.09 55.11
N SER A 358 23.47 1.71 56.27
N SER A 358 23.47 1.70 56.28
CA SER A 358 23.30 1.06 57.61
CA SER A 358 23.32 1.06 57.61
C SER A 358 22.32 -0.10 57.54
C SER A 358 22.31 -0.10 57.56
N GLU A 359 21.20 0.08 56.83
CA GLU A 359 20.09 -0.92 56.72
C GLU A 359 20.32 -1.90 55.56
N GLY A 360 21.50 -1.92 54.93
CA GLY A 360 21.92 -2.91 53.92
C GLY A 360 21.77 -2.38 52.50
N THR A 361 21.49 -3.27 51.54
CA THR A 361 21.36 -2.97 50.09
C THR A 361 19.87 -2.77 49.74
N GLY A 362 19.57 -1.71 48.99
CA GLY A 362 18.22 -1.43 48.47
C GLY A 362 18.25 -1.06 47.00
N GLN A 363 17.07 -0.92 46.40
CA GLN A 363 16.90 -0.53 44.98
C GLN A 363 15.49 0.03 44.81
N ALA A 364 15.36 1.07 43.99
CA ALA A 364 14.07 1.71 43.64
C ALA A 364 14.17 2.33 42.25
N ALA A 365 13.11 2.18 41.44
CA ALA A 365 12.98 2.83 40.12
C ALA A 365 12.62 4.31 40.29
N ASP A 366 13.02 5.15 39.32
CA ASP A 366 12.56 6.56 39.19
C ASP A 366 11.55 6.62 38.04
N LEU A 367 10.30 6.98 38.34
CA LEU A 367 9.16 6.90 37.40
C LEU A 367 9.17 8.12 36.47
N LYS A 368 9.57 9.31 36.95
CA LYS A 368 9.58 10.55 36.15
C LYS A 368 10.52 10.37 34.95
N SER A 369 11.76 9.95 35.17
CA SER A 369 12.79 9.70 34.12
C SER A 369 12.32 8.58 33.18
N THR A 370 11.77 7.51 33.74
CA THR A 370 11.21 6.33 33.03
C THR A 370 10.08 6.78 32.08
N GLN A 371 9.11 7.53 32.62
CA GLN A 371 7.90 7.98 31.87
C GLN A 371 8.29 8.96 30.76
N ALA A 372 9.22 9.88 31.04
CA ALA A 372 9.73 10.90 30.07
C ALA A 372 10.28 10.19 28.84
N ALA A 373 11.12 9.16 29.03
CA ALA A 373 11.73 8.34 27.97
C ALA A 373 10.64 7.57 27.20
N ILE A 374 9.71 6.93 27.91
CA ILE A 374 8.60 6.12 27.31
C ILE A 374 7.70 7.05 26.48
N ASP A 375 7.36 8.23 26.99
CA ASP A 375 6.43 9.20 26.34
C ASP A 375 7.04 9.71 25.02
N GLN A 376 8.34 10.01 25.00
CA GLN A 376 9.07 10.46 23.77
C GLN A 376 9.06 9.34 22.73
N ILE A 377 9.39 8.11 23.14
CA ILE A 377 9.45 6.92 22.24
C ILE A 377 8.04 6.60 21.69
N ASN A 378 7.00 6.66 22.53
CA ASN A 378 5.59 6.44 22.12
C ASN A 378 5.15 7.52 21.12
N GLY A 379 5.56 8.78 21.33
CA GLY A 379 5.30 9.92 20.43
C GLY A 379 5.94 9.72 19.05
N ILE A 380 7.19 9.24 19.03
CA ILE A 380 7.95 8.85 17.79
C ILE A 380 7.16 7.76 17.03
N LEU A 381 6.79 6.68 17.74
CA LEU A 381 6.04 5.51 17.18
C LEU A 381 4.70 5.99 16.60
N ASN A 382 4.01 6.89 17.31
CA ASN A 382 2.71 7.49 16.88
C ASN A 382 2.89 8.11 15.48
N ARG A 383 3.94 8.92 15.30
CA ARG A 383 4.22 9.63 14.01
C ARG A 383 4.67 8.66 12.93
N VAL A 384 5.42 7.60 13.29
CA VAL A 384 5.97 6.62 12.30
C VAL A 384 4.84 5.73 11.76
N ILE A 385 3.97 5.18 12.62
CA ILE A 385 2.82 4.31 12.20
C ILE A 385 1.82 5.14 11.38
N ASN A 389 -1.03 6.48 3.93
CA ASN A 389 -1.58 7.03 2.66
C ASN A 389 -2.35 5.94 1.90
N GLU A 390 -3.55 6.27 1.39
CA GLU A 390 -4.35 5.35 0.56
C GLU A 390 -4.17 5.75 -0.91
N LYS A 391 -3.78 4.78 -1.76
CA LYS A 391 -3.70 4.91 -3.24
C LYS A 391 -4.69 3.92 -3.86
N PHE A 392 -5.36 4.34 -4.93
CA PHE A 392 -6.44 3.60 -5.62
C PHE A 392 -5.95 3.23 -7.02
N HIS A 393 -6.43 3.86 -8.09
CA HIS A 393 -6.00 3.53 -9.47
C HIS A 393 -4.63 4.18 -9.71
N GLN A 394 -3.63 3.40 -10.10
CA GLN A 394 -2.22 3.82 -10.29
C GLN A 394 -1.83 3.53 -11.75
N ILE A 395 -0.63 2.99 -11.96
CA ILE A 395 -0.11 2.54 -13.29
C ILE A 395 0.06 1.03 -13.15
N GLU A 396 0.09 0.32 -14.28
CA GLU A 396 0.49 -1.11 -14.30
C GLU A 396 1.99 -1.19 -14.00
N LYS A 397 2.38 -2.24 -13.29
CA LYS A 397 3.76 -2.44 -12.78
C LYS A 397 4.32 -3.78 -13.25
N GLU A 398 3.48 -4.68 -13.79
CA GLU A 398 3.89 -5.92 -14.47
C GLU A 398 3.24 -5.94 -15.87
N PHE A 399 3.91 -6.58 -16.82
CA PHE A 399 3.60 -6.54 -18.26
C PHE A 399 3.83 -7.94 -18.83
N SER A 400 2.84 -8.48 -19.54
CA SER A 400 2.86 -9.82 -20.18
C SER A 400 3.49 -9.75 -21.59
N GLU A 401 3.54 -8.56 -22.21
CA GLU A 401 4.12 -8.34 -23.57
C GLU A 401 5.23 -7.28 -23.50
N VAL A 402 6.22 -7.42 -24.39
CA VAL A 402 7.25 -6.38 -24.70
C VAL A 402 6.57 -5.30 -25.55
N GLU A 403 6.82 -4.02 -25.25
CA GLU A 403 6.18 -2.88 -25.96
C GLU A 403 7.17 -1.76 -26.32
N GLY A 404 8.31 -1.65 -25.63
CA GLY A 404 9.31 -0.58 -25.85
C GLY A 404 9.02 0.66 -25.01
N ARG A 405 8.94 1.82 -25.66
CA ARG A 405 9.13 3.17 -25.07
C ARG A 405 8.23 3.41 -23.84
N ILE A 406 6.92 3.19 -23.98
CA ILE A 406 5.91 3.52 -22.92
C ILE A 406 6.14 2.62 -21.70
N GLN A 407 6.36 1.32 -21.94
CA GLN A 407 6.58 0.33 -20.85
C GLN A 407 7.90 0.66 -20.15
N ASP A 408 8.94 1.04 -20.91
CA ASP A 408 10.26 1.44 -20.35
C ASP A 408 10.05 2.59 -19.35
N LEU A 409 9.21 3.56 -19.71
CA LEU A 409 8.96 4.77 -18.87
C LEU A 409 8.15 4.35 -17.63
N GLU A 410 7.09 3.55 -17.80
CA GLU A 410 6.26 3.04 -16.67
C GLU A 410 7.15 2.30 -15.66
N LYS A 411 8.05 1.43 -16.13
CA LYS A 411 8.95 0.63 -15.26
C LYS A 411 9.97 1.55 -14.58
N TYR A 412 10.48 2.54 -15.31
CA TYR A 412 11.53 3.48 -14.81
C TYR A 412 10.92 4.38 -13.73
N VAL A 413 9.66 4.81 -13.91
CA VAL A 413 8.93 5.65 -12.92
C VAL A 413 8.81 4.85 -11.62
N GLU A 414 8.35 3.60 -11.71
CA GLU A 414 8.11 2.77 -10.50
C GLU A 414 9.45 2.46 -9.82
N ASP A 415 10.50 2.14 -10.58
CA ASP A 415 11.84 1.79 -10.04
C ASP A 415 12.45 3.01 -9.32
N THR A 416 12.33 4.19 -9.93
CA THR A 416 12.72 5.51 -9.38
C THR A 416 12.04 5.70 -8.02
N LYS A 417 10.71 5.52 -7.98
CA LYS A 417 9.89 5.61 -6.74
C LYS A 417 10.42 4.63 -5.67
N ILE A 418 10.51 3.33 -5.99
CA ILE A 418 10.92 2.27 -5.01
C ILE A 418 12.27 2.67 -4.40
N ASP A 419 13.23 3.09 -5.23
CA ASP A 419 14.60 3.41 -4.75
C ASP A 419 14.57 4.62 -3.82
N LEU A 420 13.74 5.62 -4.13
CA LEU A 420 13.68 6.88 -3.33
C LEU A 420 13.04 6.59 -1.96
N TRP A 421 11.97 5.79 -1.92
CA TRP A 421 11.30 5.38 -0.66
C TRP A 421 12.16 4.42 0.15
N SER A 422 12.87 3.51 -0.51
CA SER A 422 13.83 2.57 0.15
C SER A 422 14.94 3.39 0.85
N TYR A 423 15.46 4.42 0.18
CA TYR A 423 16.45 5.36 0.75
C TYR A 423 15.84 6.10 1.96
N ASN A 424 14.64 6.66 1.78
CA ASN A 424 13.88 7.38 2.85
C ASN A 424 13.71 6.48 4.08
N ALA A 425 13.30 5.22 3.88
CA ALA A 425 13.09 4.25 4.97
C ALA A 425 14.42 3.93 5.68
N GLU A 426 15.50 3.68 4.93
CA GLU A 426 16.85 3.38 5.51
C GLU A 426 17.30 4.58 6.37
N LEU A 427 17.25 5.80 5.82
CA LEU A 427 17.70 7.02 6.53
C LEU A 427 16.83 7.22 7.78
N LEU A 428 15.50 7.17 7.64
CA LEU A 428 14.56 7.50 8.75
C LEU A 428 14.84 6.60 9.97
N VAL A 429 14.97 5.29 9.75
CA VAL A 429 15.19 4.30 10.83
C VAL A 429 16.52 4.59 11.53
N ALA A 430 17.59 4.82 10.76
CA ALA A 430 18.95 5.10 11.27
C ALA A 430 18.92 6.38 12.12
N LEU A 431 18.24 7.42 11.63
CA LEU A 431 18.18 8.77 12.24
C LEU A 431 17.33 8.72 13.52
N ILE A 432 16.18 8.06 13.50
CA ILE A 432 15.27 7.98 14.69
C ILE A 432 15.96 7.13 15.76
N ASN A 433 16.56 5.99 15.36
CA ASN A 433 17.36 5.13 16.26
C ASN A 433 18.48 5.94 16.93
N GLN A 434 19.16 6.82 16.19
CA GLN A 434 20.21 7.73 16.73
C GLN A 434 19.60 8.60 17.84
N HIS A 435 18.44 9.22 17.58
CA HIS A 435 17.73 10.10 18.55
C HIS A 435 17.20 9.34 19.76
N THR A 436 16.80 8.07 19.57
CA THR A 436 16.23 7.21 20.65
C THR A 436 17.35 6.83 21.62
N ILE A 437 18.51 6.44 21.10
CA ILE A 437 19.74 6.16 21.89
C ILE A 437 20.09 7.44 22.68
N ASP A 438 20.10 8.59 22.00
CA ASP A 438 20.55 9.90 22.57
C ASP A 438 19.58 10.33 23.66
N LEU A 439 18.26 10.29 23.42
CA LEU A 439 17.27 10.74 24.44
C LEU A 439 17.27 9.78 25.64
N THR A 440 17.53 8.49 25.43
CA THR A 440 17.55 7.47 26.51
C THR A 440 18.82 7.64 27.35
N ASP A 441 19.97 7.88 26.72
CA ASP A 441 21.24 8.26 27.41
C ASP A 441 21.05 9.57 28.18
N SER A 442 20.32 10.53 27.59
CA SER A 442 20.10 11.89 28.14
C SER A 442 19.32 11.83 29.47
N GLU A 443 18.23 11.04 29.53
CA GLU A 443 17.40 10.87 30.76
C GLU A 443 18.25 10.26 31.89
N MET A 444 19.16 9.33 31.58
CA MET A 444 20.11 8.74 32.57
C MET A 444 21.01 9.83 33.12
N ASN A 445 21.66 10.59 32.24
CA ASN A 445 22.60 11.71 32.61
C ASN A 445 21.83 12.75 33.43
N LYS A 446 20.61 13.12 33.03
CA LYS A 446 19.76 14.12 33.75
C LYS A 446 19.43 13.66 35.17
N LEU A 447 19.17 12.37 35.38
CA LEU A 447 18.85 11.82 36.73
C LEU A 447 20.13 11.86 37.58
N PHE A 448 21.30 11.57 37.00
CA PHE A 448 22.61 11.58 37.70
C PHE A 448 22.96 13.02 38.12
N GLU A 449 22.83 13.98 37.20
CA GLU A 449 23.06 15.43 37.43
C GLU A 449 22.06 15.98 38.46
N LYS A 450 20.78 15.61 38.36
CA LYS A 450 19.72 16.03 39.32
C LYS A 450 20.08 15.56 40.73
N THR A 451 20.57 14.32 40.87
CA THR A 451 20.99 13.72 42.16
C THR A 451 22.23 14.45 42.69
N ARG A 452 23.22 14.67 41.82
CA ARG A 452 24.48 15.42 42.11
C ARG A 452 24.16 16.78 42.73
N ARG A 453 23.21 17.52 42.13
CA ARG A 453 22.86 18.91 42.54
C ARG A 453 22.21 18.93 43.93
N GLN A 454 21.29 17.99 44.21
CA GLN A 454 20.67 17.79 45.56
C GLN A 454 21.77 17.62 46.61
N LEU A 455 22.75 16.76 46.35
CA LEU A 455 23.74 16.26 47.34
C LEU A 455 24.75 17.36 47.73
N ARG A 456 24.98 18.36 46.87
CA ARG A 456 25.85 19.54 47.13
C ARG A 456 27.24 19.04 47.59
N GLU A 457 27.67 19.38 48.81
CA GLU A 457 29.04 19.08 49.31
C GLU A 457 29.00 17.87 50.26
N ASN A 458 27.93 17.08 50.25
CA ASN A 458 27.71 15.94 51.19
C ASN A 458 28.15 14.62 50.55
N ALA A 459 28.45 14.63 49.26
CA ALA A 459 28.82 13.43 48.48
C ALA A 459 29.83 13.82 47.39
N GLU A 460 30.64 12.86 46.95
CA GLU A 460 31.49 13.04 45.74
C GLU A 460 31.25 11.88 44.77
N ASP A 461 31.57 12.14 43.51
CA ASP A 461 31.38 11.23 42.35
C ASP A 461 32.45 10.14 42.41
N MET A 462 32.05 8.88 42.58
CA MET A 462 32.97 7.70 42.65
C MET A 462 33.46 7.33 41.25
N GLY A 463 32.88 7.89 40.18
CA GLY A 463 33.36 7.71 38.79
C GLY A 463 32.76 6.51 38.10
N ASN A 464 31.87 5.77 38.79
CA ASN A 464 31.19 4.54 38.31
C ASN A 464 29.68 4.81 38.19
N GLY A 465 29.26 6.08 38.14
CA GLY A 465 27.85 6.50 38.18
C GLY A 465 27.23 6.31 39.55
N CYS A 466 28.05 6.34 40.62
CA CYS A 466 27.58 6.29 42.04
C CYS A 466 28.16 7.46 42.82
N PHE A 467 27.44 7.91 43.85
CA PHE A 467 27.87 8.90 44.86
C PHE A 467 28.25 8.19 46.15
N LYS A 468 29.43 8.49 46.70
CA LYS A 468 29.75 8.20 48.13
C LYS A 468 29.19 9.35 48.96
N ILE A 469 28.08 9.12 49.68
CA ILE A 469 27.49 10.08 50.66
C ILE A 469 28.32 9.98 51.94
N TYR A 470 28.98 11.06 52.34
CA TYR A 470 29.92 11.11 53.50
C TYR A 470 29.16 11.42 54.79
N HIS A 471 28.01 10.78 55.00
CA HIS A 471 27.23 10.84 56.26
C HIS A 471 26.32 9.62 56.35
N LYS A 472 25.93 9.25 57.58
CA LYS A 472 24.90 8.22 57.85
C LYS A 472 23.63 8.63 57.09
N CYS A 473 23.22 7.82 56.11
CA CYS A 473 22.02 8.07 55.27
C CYS A 473 21.19 6.77 55.24
N ASP A 474 20.24 6.66 56.18
CA ASP A 474 19.34 5.49 56.35
C ASP A 474 18.34 5.45 55.17
N ASN A 475 17.43 4.48 55.16
CA ASN A 475 16.46 4.29 54.03
C ASN A 475 15.58 5.53 53.89
N ALA A 476 15.17 6.14 55.01
CA ALA A 476 14.38 7.40 55.04
C ALA A 476 15.18 8.52 54.36
N CYS A 477 16.46 8.65 54.70
CA CYS A 477 17.40 9.66 54.14
C CYS A 477 17.53 9.44 52.63
N ILE A 478 17.77 8.20 52.20
CA ILE A 478 17.89 7.79 50.76
C ILE A 478 16.59 8.14 50.04
N GLU A 479 15.43 7.78 50.62
CA GLU A 479 14.08 8.05 50.05
C GLU A 479 13.93 9.56 49.80
N SER A 480 14.44 10.39 50.72
CA SER A 480 14.38 11.89 50.62
C SER A 480 15.19 12.37 49.41
N ILE A 481 16.29 11.68 49.07
CA ILE A 481 17.12 11.97 47.87
C ILE A 481 16.32 11.56 46.62
N ARG A 482 15.68 10.38 46.64
CA ARG A 482 14.85 9.83 45.53
C ARG A 482 13.61 10.72 45.32
N ASN A 483 13.00 11.23 46.40
CA ASN A 483 11.99 12.32 46.36
C ASN A 483 12.70 13.62 45.97
N GLY A 484 11.96 14.71 45.78
CA GLY A 484 12.54 16.06 45.55
C GLY A 484 13.23 16.62 46.80
N THR A 485 12.89 16.13 47.99
CA THR A 485 13.09 16.82 49.30
C THR A 485 14.26 16.21 50.06
N TYR A 486 15.48 16.70 49.82
CA TYR A 486 16.70 16.38 50.59
C TYR A 486 17.34 17.71 51.01
N ASP A 487 17.56 17.89 52.32
CA ASP A 487 18.19 19.12 52.87
C ASP A 487 19.68 18.81 53.10
N HIS A 488 20.54 19.25 52.18
CA HIS A 488 22.01 19.09 52.27
C HIS A 488 22.54 19.71 53.58
N ASP A 489 21.92 20.80 54.04
CA ASP A 489 22.38 21.60 55.22
C ASP A 489 22.38 20.76 56.50
N VAL A 490 21.39 19.88 56.71
CA VAL A 490 21.23 19.16 58.00
C VAL A 490 22.36 18.14 58.17
N TYR A 491 22.95 17.66 57.06
CA TYR A 491 24.05 16.67 57.06
C TYR A 491 25.41 17.32 56.72
N ARG A 492 25.44 18.62 56.39
CA ARG A 492 26.63 19.28 55.76
C ARG A 492 27.84 19.18 56.70
N ASP A 493 27.68 19.57 57.96
CA ASP A 493 28.74 19.53 59.01
C ASP A 493 29.34 18.13 59.06
N GLU A 494 28.51 17.11 59.29
CA GLU A 494 28.91 15.67 59.38
C GLU A 494 29.70 15.27 58.13
N ALA A 495 29.18 15.64 56.94
CA ALA A 495 29.73 15.23 55.62
C ALA A 495 31.08 15.89 55.35
N LEU A 496 31.17 17.21 55.56
CA LEU A 496 32.43 17.98 55.38
C LEU A 496 33.53 17.43 56.30
N ASN A 497 33.17 17.05 57.54
CA ASN A 497 34.10 16.44 58.52
C ASN A 497 34.59 15.09 57.97
N ASN A 498 33.67 14.23 57.55
CA ASN A 498 34.00 12.89 56.97
C ASN A 498 34.89 13.05 55.73
N ARG A 499 34.60 14.04 54.87
CA ARG A 499 35.31 14.24 53.58
C ARG A 499 36.74 14.73 53.82
N PHE A 500 36.92 15.82 54.56
CA PHE A 500 38.14 16.65 54.57
C PHE A 500 39.02 16.39 55.81
N GLN A 501 38.76 15.35 56.59
CA GLN A 501 39.65 14.89 57.69
C GLN A 501 40.01 13.41 57.44
N ILE A 502 39.01 12.51 57.50
CA ILE A 502 39.16 11.03 57.34
C ILE A 502 38.33 10.51 56.17
#